data_7F6V
#
_entry.id   7F6V
#
_cell.length_a   1.00
_cell.length_b   1.00
_cell.length_c   1.00
_cell.angle_alpha   90.00
_cell.angle_beta   90.00
_cell.angle_gamma   90.00
#
_symmetry.space_group_name_H-M   'P 1'
#
loop_
_entity.id
_entity.type
_entity.pdbx_description
1 polymer 'Ion channel TACAN'
2 non-polymer CHOLESTEROL
#
_entity_poly.entity_id   1
_entity_poly.type   'polypeptide(L)'
_entity_poly.pdbx_seq_one_letter_code
;MQPPPPGPLGDCLRDWEDLQQDFQNIQETHRLYRLKLEELTKLQNNCTSSITRQKKRLQELALALKKCKPSLPAEAEGAA
QELENQMKERQGLFFDMEAYLPKKNGLYLSLVLGNVNVTLLSKQAKFAYKDEYEKFKLYLTIILILISFTCRFLLNSRVT
DAAFNFLLVWYYCTLTIRESILINNGSRIKGWWVFHHYVSTFLSGVMLTWPDGLMYQKFRNQFLSFSMYQSFVQFLQYYY
QSGCLYRLRALGERHTMDLTVEGFQSWMWRGLTFLLPFLFFGHFWQLFNALTLFNLAQDPQCKEWQVLMCGFPFLLLFLG
NFFTTLRVVHHKFHSQRHGSKKD
;
_entity_poly.pdbx_strand_id   A,B
#
# COMPACT_ATOMS: atom_id res chain seq x y z
N PRO A 8 -42.95 -5.03 -26.16
CA PRO A 8 -43.02 -5.94 -27.31
C PRO A 8 -42.06 -7.11 -27.16
N LEU A 9 -42.06 -8.01 -28.15
CA LEU A 9 -41.26 -9.22 -28.08
C LEU A 9 -40.28 -9.40 -29.23
N GLY A 10 -40.69 -9.07 -30.46
CA GLY A 10 -39.89 -9.45 -31.62
C GLY A 10 -38.57 -8.70 -31.70
N ASP A 11 -38.63 -7.38 -31.58
CA ASP A 11 -37.43 -6.57 -31.66
C ASP A 11 -36.43 -6.96 -30.57
N CYS A 12 -36.89 -7.04 -29.33
CA CYS A 12 -35.99 -7.37 -28.23
C CYS A 12 -35.46 -8.78 -28.37
N LEU A 13 -36.26 -9.72 -28.86
CA LEU A 13 -35.78 -11.09 -29.04
C LEU A 13 -34.72 -11.16 -30.12
N ARG A 14 -34.89 -10.40 -31.21
CA ARG A 14 -33.88 -10.42 -32.27
C ARG A 14 -32.58 -9.78 -31.81
N ASP A 15 -32.68 -8.66 -31.10
CA ASP A 15 -31.49 -8.07 -30.50
C ASP A 15 -30.84 -9.04 -29.52
N TRP A 16 -31.66 -9.80 -28.79
CA TRP A 16 -31.12 -10.82 -27.90
C TRP A 16 -30.38 -11.90 -28.68
N GLU A 17 -30.87 -12.26 -29.86
CA GLU A 17 -30.17 -13.24 -30.69
C GLU A 17 -28.82 -12.72 -31.14
N ASP A 18 -28.77 -11.46 -31.59
CA ASP A 18 -27.49 -10.87 -31.96
C ASP A 18 -26.54 -10.85 -30.76
N LEU A 19 -27.06 -10.50 -29.59
CA LEU A 19 -26.28 -10.57 -28.36
C LEU A 19 -25.77 -11.98 -28.12
N GLN A 20 -26.59 -12.99 -28.42
CA GLN A 20 -26.17 -14.37 -28.22
C GLN A 20 -25.01 -14.73 -29.15
N GLN A 21 -25.06 -14.25 -30.38
CA GLN A 21 -23.95 -14.47 -31.31
C GLN A 21 -22.67 -13.88 -30.75
N ASP A 22 -22.70 -12.60 -30.39
CA ASP A 22 -21.49 -11.96 -29.86
C ASP A 22 -21.06 -12.64 -28.57
N PHE A 23 -22.02 -13.15 -27.80
CA PHE A 23 -21.72 -13.85 -26.56
C PHE A 23 -20.90 -15.10 -26.83
N GLN A 24 -21.36 -15.94 -27.76
CA GLN A 24 -20.63 -17.16 -28.06
C GLN A 24 -19.27 -16.84 -28.64
N ASN A 25 -19.15 -15.75 -29.39
CA ASN A 25 -17.85 -15.35 -29.92
C ASN A 25 -16.88 -15.01 -28.80
N ILE A 26 -17.30 -14.12 -27.90
CA ILE A 26 -16.45 -13.71 -26.79
C ILE A 26 -16.09 -14.92 -25.93
N GLN A 27 -17.06 -15.81 -25.71
CA GLN A 27 -16.82 -16.99 -24.91
C GLN A 27 -15.76 -17.87 -25.56
N GLU A 28 -15.83 -18.05 -26.87
CA GLU A 28 -14.83 -18.86 -27.55
C GLU A 28 -13.44 -18.27 -27.37
N THR A 29 -13.31 -16.96 -27.59
CA THR A 29 -11.98 -16.34 -27.48
C THR A 29 -11.44 -16.43 -26.05
N HIS A 30 -12.30 -16.17 -25.07
CA HIS A 30 -11.85 -16.21 -23.68
C HIS A 30 -11.47 -17.61 -23.26
N ARG A 31 -12.26 -18.63 -23.67
CA ARG A 31 -11.87 -20.00 -23.40
C ARG A 31 -10.55 -20.34 -24.08
N LEU A 32 -10.30 -19.76 -25.25
CA LEU A 32 -9.03 -19.98 -25.92
C LEU A 32 -7.87 -19.49 -25.06
N TYR A 33 -7.88 -18.21 -24.68
CA TYR A 33 -6.61 -17.67 -24.19
C TYR A 33 -6.25 -18.18 -22.80
N ARG A 34 -7.12 -18.95 -22.16
CA ARG A 34 -6.79 -19.59 -20.89
C ARG A 34 -5.52 -20.44 -21.02
N LEU A 35 -5.49 -21.29 -22.05
CA LEU A 35 -4.33 -22.17 -22.26
C LEU A 35 -3.06 -21.36 -22.52
N LYS A 36 -3.17 -20.31 -23.35
CA LYS A 36 -2.01 -19.46 -23.58
C LYS A 36 -1.50 -18.85 -22.29
N LEU A 37 -2.40 -18.35 -21.45
CA LEU A 37 -1.99 -17.79 -20.18
C LEU A 37 -1.25 -18.83 -19.34
N GLU A 38 -1.78 -20.06 -19.32
CA GLU A 38 -1.14 -21.13 -18.57
C GLU A 38 0.28 -21.36 -19.07
N GLU A 39 0.45 -21.48 -20.39
CA GLU A 39 1.77 -21.76 -20.94
C GLU A 39 2.72 -20.60 -20.69
N LEU A 40 2.20 -19.37 -20.71
CA LEU A 40 3.05 -18.22 -20.41
C LEU A 40 3.55 -18.27 -18.98
N THR A 41 2.67 -18.56 -18.02
CA THR A 41 3.12 -18.66 -16.64
C THR A 41 4.15 -19.79 -16.47
N LYS A 42 3.91 -20.93 -17.11
CA LYS A 42 4.85 -22.03 -17.02
C LYS A 42 6.22 -21.62 -17.52
N LEU A 43 6.28 -21.05 -18.73
CA LEU A 43 7.55 -20.68 -19.32
C LEU A 43 8.25 -19.62 -18.47
N GLN A 44 7.47 -18.67 -17.94
CA GLN A 44 8.05 -17.63 -17.09
C GLN A 44 8.70 -18.23 -15.85
N ASN A 45 8.00 -19.17 -15.21
CA ASN A 45 8.55 -19.83 -14.03
C ASN A 45 9.83 -20.57 -14.37
N ASN A 46 9.81 -21.31 -15.48
CA ASN A 46 11.02 -22.03 -15.90
C ASN A 46 12.18 -21.06 -16.11
N CYS A 47 11.92 -19.96 -16.82
CA CYS A 47 12.97 -19.01 -17.14
C CYS A 47 13.56 -18.39 -15.88
N THR A 48 12.70 -17.96 -14.95
CA THR A 48 13.24 -17.32 -13.76
C THR A 48 14.03 -18.29 -12.90
N SER A 49 13.53 -19.53 -12.73
CA SER A 49 14.29 -20.52 -11.98
C SER A 49 15.67 -20.74 -12.61
N SER A 50 15.69 -20.94 -13.94
CA SER A 50 16.95 -21.21 -14.62
C SER A 50 17.91 -20.04 -14.47
N ILE A 51 17.43 -18.80 -14.64
CA ILE A 51 18.35 -17.68 -14.61
C ILE A 51 18.89 -17.46 -13.21
N THR A 52 18.06 -17.65 -12.18
CA THR A 52 18.58 -17.54 -10.82
C THR A 52 19.65 -18.59 -10.57
N ARG A 53 19.39 -19.83 -10.97
CA ARG A 53 20.38 -20.89 -10.81
C ARG A 53 21.70 -20.51 -11.48
N GLN A 54 21.64 -20.07 -12.74
CA GLN A 54 22.85 -19.80 -13.49
C GLN A 54 23.59 -18.61 -12.91
N LYS A 55 22.87 -17.57 -12.47
CA LYS A 55 23.51 -16.43 -11.82
C LYS A 55 24.23 -16.86 -10.56
N LYS A 56 23.59 -17.71 -9.75
CA LYS A 56 24.24 -18.20 -8.55
C LYS A 56 25.56 -18.89 -8.88
N ARG A 57 25.52 -19.85 -9.80
CA ARG A 57 26.75 -20.57 -10.13
C ARG A 57 27.81 -19.61 -10.70
N LEU A 58 27.37 -18.62 -11.46
CA LEU A 58 28.31 -17.65 -12.01
C LEU A 58 28.99 -16.86 -10.90
N GLN A 59 28.21 -16.48 -9.88
CA GLN A 59 28.81 -15.75 -8.76
C GLN A 59 29.82 -16.62 -8.02
N GLU A 60 29.51 -17.91 -7.87
CA GLU A 60 30.48 -18.81 -7.24
C GLU A 60 31.77 -18.86 -8.05
N LEU A 61 31.65 -19.00 -9.37
CA LEU A 61 32.83 -18.95 -10.23
C LEU A 61 33.59 -17.65 -10.04
N ALA A 62 32.86 -16.54 -9.92
CA ALA A 62 33.50 -15.23 -9.76
C ALA A 62 34.31 -15.18 -8.48
N LEU A 63 33.72 -15.63 -7.38
CA LEU A 63 34.45 -15.64 -6.10
C LEU A 63 35.71 -16.49 -6.20
N ALA A 64 35.56 -17.70 -6.75
CA ALA A 64 36.70 -18.60 -6.86
C ALA A 64 37.82 -17.96 -7.67
N LEU A 65 37.48 -17.37 -8.82
CA LEU A 65 38.51 -16.78 -9.66
C LEU A 65 39.11 -15.53 -9.03
N LYS A 66 38.31 -14.76 -8.30
CA LYS A 66 38.86 -13.60 -7.61
C LYS A 66 39.87 -14.03 -6.56
N LYS A 67 39.60 -15.14 -5.88
CA LYS A 67 40.57 -15.63 -4.89
C LYS A 67 41.82 -16.18 -5.56
N CYS A 68 41.66 -16.89 -6.68
CA CYS A 68 42.82 -17.40 -7.41
C CYS A 68 43.54 -16.32 -8.22
N LYS A 69 43.01 -15.11 -8.25
CA LYS A 69 43.49 -14.04 -9.13
C LYS A 69 44.85 -13.46 -8.77
N PRO A 70 45.12 -13.15 -7.48
CA PRO A 70 46.31 -12.32 -7.18
C PRO A 70 47.65 -13.00 -7.39
N SER A 71 47.67 -14.16 -8.03
CA SER A 71 48.92 -14.87 -8.29
C SER A 71 49.82 -14.06 -9.20
N LEU A 72 51.04 -14.56 -9.44
CA LEU A 72 52.03 -13.79 -10.17
C LEU A 72 51.54 -13.51 -11.60
N PRO A 73 51.72 -12.27 -12.10
CA PRO A 73 51.25 -11.95 -13.44
C PRO A 73 52.28 -12.25 -14.52
N ALA A 74 53.26 -13.09 -14.20
CA ALA A 74 54.32 -13.40 -15.15
C ALA A 74 53.79 -14.00 -16.44
N GLU A 75 52.57 -14.54 -16.44
CA GLU A 75 51.94 -15.07 -17.64
C GLU A 75 50.95 -14.05 -18.20
N ALA A 76 50.27 -14.44 -19.29
CA ALA A 76 49.37 -13.53 -19.97
C ALA A 76 48.07 -13.37 -19.20
N GLU A 77 48.15 -12.83 -18.00
CA GLU A 77 46.98 -12.67 -17.15
C GLU A 77 46.07 -11.54 -17.61
N GLY A 78 46.49 -10.76 -18.60
CA GLY A 78 45.57 -9.83 -19.23
C GLY A 78 44.32 -10.52 -19.74
N ALA A 79 44.47 -11.76 -20.24
CA ALA A 79 43.31 -12.56 -20.60
C ALA A 79 42.39 -12.75 -19.41
N ALA A 80 42.96 -12.86 -18.22
CA ALA A 80 42.12 -12.98 -17.03
C ALA A 80 41.33 -11.69 -16.81
N GLN A 81 41.96 -10.54 -17.04
CA GLN A 81 41.24 -9.28 -16.92
C GLN A 81 40.11 -9.21 -17.94
N GLU A 82 40.35 -9.71 -19.15
CA GLU A 82 39.29 -9.76 -20.15
C GLU A 82 38.16 -10.67 -19.70
N LEU A 83 38.49 -11.84 -19.15
CA LEU A 83 37.48 -12.73 -18.62
C LEU A 83 36.69 -12.04 -17.50
N GLU A 84 37.35 -11.20 -16.73
CA GLU A 84 36.67 -10.46 -15.67
C GLU A 84 35.70 -9.43 -16.24
N ASN A 85 36.14 -8.67 -17.25
CA ASN A 85 35.23 -7.80 -17.98
C ASN A 85 34.04 -8.59 -18.50
N GLN A 86 34.29 -9.79 -19.00
CA GLN A 86 33.21 -10.63 -19.51
C GLN A 86 32.24 -11.01 -18.40
N MET A 87 32.75 -11.36 -17.22
CA MET A 87 31.88 -11.66 -16.09
C MET A 87 31.02 -10.45 -15.74
N LYS A 88 31.63 -9.27 -15.74
CA LYS A 88 30.88 -8.07 -15.38
C LYS A 88 29.77 -7.78 -16.38
N GLU A 89 30.08 -7.86 -17.68
CA GLU A 89 29.04 -7.64 -18.67
C GLU A 89 27.99 -8.74 -18.64
N ARG A 90 28.37 -9.96 -18.27
CA ARG A 90 27.38 -11.01 -18.09
C ARG A 90 26.43 -10.67 -16.95
N GLN A 91 26.98 -10.18 -15.84
CA GLN A 91 26.13 -9.74 -14.74
C GLN A 91 25.17 -8.66 -15.20
N GLY A 92 25.66 -7.70 -15.99
CA GLY A 92 24.79 -6.65 -16.49
C GLY A 92 23.70 -7.18 -17.41
N LEU A 93 24.04 -8.14 -18.26
CA LEU A 93 23.06 -8.74 -19.15
C LEU A 93 21.98 -9.46 -18.37
N PHE A 94 22.39 -10.30 -17.41
CA PHE A 94 21.43 -10.95 -16.54
C PHE A 94 20.54 -9.92 -15.85
N PHE A 95 21.14 -8.81 -15.40
CA PHE A 95 20.37 -7.79 -14.71
C PHE A 95 19.29 -7.21 -15.61
N ASP A 96 19.68 -6.63 -16.75
CA ASP A 96 18.67 -5.96 -17.57
C ASP A 96 17.69 -6.96 -18.16
N MET A 97 18.08 -8.23 -18.28
CA MET A 97 17.13 -9.23 -18.75
C MET A 97 16.10 -9.53 -17.67
N GLU A 98 16.55 -9.73 -16.43
CA GLU A 98 15.62 -10.07 -15.36
C GLU A 98 14.76 -8.89 -14.95
N ALA A 99 15.19 -7.66 -15.25
CA ALA A 99 14.34 -6.51 -14.95
C ALA A 99 13.02 -6.57 -15.71
N TYR A 100 12.98 -7.30 -16.82
CA TYR A 100 11.80 -7.45 -17.64
C TYR A 100 10.88 -8.55 -17.12
N LEU A 101 11.21 -9.15 -15.97
CA LEU A 101 10.59 -10.37 -15.50
C LEU A 101 10.15 -10.20 -14.05
N PRO A 102 8.96 -10.67 -13.69
CA PRO A 102 8.41 -10.35 -12.37
C PRO A 102 9.21 -10.96 -11.24
N LYS A 103 9.24 -10.27 -10.12
CA LYS A 103 10.04 -10.63 -8.96
C LYS A 103 9.17 -10.79 -7.73
N LYS A 104 9.73 -11.39 -6.70
CA LYS A 104 9.09 -11.47 -5.39
C LYS A 104 9.24 -10.13 -4.71
N ASN A 105 8.27 -9.79 -3.86
CA ASN A 105 8.22 -8.44 -3.29
C ASN A 105 9.49 -8.10 -2.52
N GLY A 106 9.90 -8.96 -1.60
CA GLY A 106 10.99 -8.64 -0.72
C GLY A 106 10.54 -8.67 0.73
N LEU A 107 10.90 -7.66 1.51
CA LEU A 107 10.50 -7.62 2.91
C LEU A 107 9.41 -6.61 3.21
N TYR A 108 9.62 -5.33 2.90
CA TYR A 108 8.67 -4.32 3.35
C TYR A 108 7.32 -4.49 2.68
N LEU A 109 7.29 -4.59 1.35
CA LEU A 109 6.03 -4.75 0.65
C LEU A 109 5.32 -6.02 1.09
N SER A 110 6.07 -7.08 1.35
CA SER A 110 5.45 -8.31 1.86
C SER A 110 4.74 -8.05 3.17
N LEU A 111 5.20 -7.06 3.94
CA LEU A 111 4.60 -6.78 5.23
C LEU A 111 3.30 -5.99 5.08
N VAL A 112 3.22 -5.12 4.08
CA VAL A 112 2.02 -4.33 3.88
C VAL A 112 1.05 -5.05 2.93
N LEU A 113 1.52 -5.42 1.74
CA LEU A 113 0.67 -6.09 0.77
C LEU A 113 0.81 -7.60 0.84
N GLY A 114 1.98 -8.14 0.54
CA GLY A 114 2.21 -9.55 0.73
C GLY A 114 1.79 -10.40 -0.46
N ASN A 115 2.74 -11.14 -1.02
CA ASN A 115 2.46 -12.11 -2.08
C ASN A 115 1.63 -11.51 -3.21
N VAL A 116 2.09 -10.37 -3.72
CA VAL A 116 1.47 -9.75 -4.89
C VAL A 116 2.55 -9.52 -5.94
N ASN A 117 2.21 -9.78 -7.19
CA ASN A 117 3.17 -9.67 -8.29
C ASN A 117 3.14 -8.24 -8.87
N VAL A 118 3.47 -7.28 -8.02
CA VAL A 118 3.55 -5.89 -8.47
C VAL A 118 4.88 -5.67 -9.17
N THR A 119 4.89 -5.89 -10.49
CA THR A 119 6.09 -5.70 -11.28
C THR A 119 5.64 -5.40 -12.71
N LEU A 120 5.70 -4.13 -13.09
CA LEU A 120 5.34 -3.76 -14.46
C LEU A 120 6.32 -4.41 -15.44
N LEU A 121 5.81 -4.79 -16.60
CA LEU A 121 6.58 -5.59 -17.55
C LEU A 121 6.67 -4.91 -18.91
N SER A 122 6.70 -3.60 -18.94
CA SER A 122 6.80 -2.87 -20.21
C SER A 122 7.43 -1.53 -19.95
N LYS A 123 8.50 -1.22 -20.70
CA LYS A 123 9.20 0.04 -20.54
C LYS A 123 8.24 1.22 -20.57
N GLN A 124 7.25 1.17 -21.46
CA GLN A 124 6.26 2.24 -21.52
C GLN A 124 5.48 2.33 -20.23
N ALA A 125 4.97 1.20 -19.74
CA ALA A 125 4.18 1.21 -18.51
C ALA A 125 5.02 1.64 -17.33
N LYS A 126 6.25 1.14 -17.23
CA LYS A 126 7.13 1.51 -16.13
C LYS A 126 7.40 3.01 -16.13
N PHE A 127 7.76 3.56 -17.30
CA PHE A 127 8.06 4.98 -17.37
C PHE A 127 6.83 5.83 -17.06
N ALA A 128 5.67 5.44 -17.58
CA ALA A 128 4.45 6.17 -17.29
C ALA A 128 4.14 6.15 -15.80
N TYR A 129 4.39 5.02 -15.14
CA TYR A 129 4.15 4.96 -13.71
C TYR A 129 5.09 5.88 -12.95
N LYS A 130 6.37 5.91 -13.33
CA LYS A 130 7.28 6.82 -12.64
C LYS A 130 6.86 8.28 -12.82
N ASP A 131 6.44 8.63 -14.03
CA ASP A 131 5.98 10.00 -14.28
C ASP A 131 4.76 10.32 -13.43
N GLU A 132 3.80 9.39 -13.34
CA GLU A 132 2.64 9.61 -12.50
C GLU A 132 3.04 9.78 -11.03
N TYR A 133 4.06 9.04 -10.61
CA TYR A 133 4.54 9.18 -9.23
C TYR A 133 5.05 10.59 -8.98
N GLU A 134 5.86 11.11 -9.89
CA GLU A 134 6.36 12.48 -9.69
C GLU A 134 5.23 13.50 -9.72
N LYS A 135 4.26 13.31 -10.61
CA LYS A 135 3.13 14.25 -10.64
C LYS A 135 2.35 14.22 -9.33
N PHE A 136 2.19 13.03 -8.75
CA PHE A 136 1.52 12.94 -7.46
C PHE A 136 2.30 13.67 -6.39
N LYS A 137 3.62 13.49 -6.37
CA LYS A 137 4.44 14.21 -5.40
C LYS A 137 4.23 15.71 -5.52
N LEU A 138 4.22 16.23 -6.76
CA LEU A 138 3.99 17.65 -6.96
C LEU A 138 2.65 18.09 -6.39
N TYR A 139 1.57 17.40 -6.78
CA TYR A 139 0.24 17.85 -6.37
C TYR A 139 0.10 17.84 -4.86
N LEU A 140 0.60 16.80 -4.21
CA LEU A 140 0.49 16.79 -2.77
C LEU A 140 1.39 17.83 -2.13
N THR A 141 2.50 18.18 -2.77
CA THR A 141 3.32 19.28 -2.26
C THR A 141 2.56 20.60 -2.30
N ILE A 142 1.80 20.84 -3.37
CA ILE A 142 0.99 22.06 -3.44
C ILE A 142 -0.04 22.09 -2.32
N ILE A 143 -0.77 20.99 -2.14
CA ILE A 143 -1.74 20.95 -1.06
C ILE A 143 -1.07 21.23 0.28
N LEU A 144 0.10 20.63 0.49
CA LEU A 144 0.79 20.78 1.76
C LEU A 144 1.24 22.21 1.99
N ILE A 145 1.73 22.89 0.95
CA ILE A 145 2.20 24.25 1.14
C ILE A 145 1.04 25.19 1.40
N LEU A 146 -0.12 24.93 0.79
CA LEU A 146 -1.25 25.81 1.06
C LEU A 146 -1.75 25.62 2.50
N ILE A 147 -1.81 24.37 2.97
CA ILE A 147 -2.22 24.16 4.35
C ILE A 147 -1.19 24.76 5.31
N SER A 148 0.10 24.67 4.98
CA SER A 148 1.12 25.26 5.82
C SER A 148 0.97 26.77 5.90
N PHE A 149 0.74 27.42 4.76
CA PHE A 149 0.52 28.86 4.77
C PHE A 149 -0.69 29.23 5.61
N THR A 150 -1.78 28.46 5.49
CA THR A 150 -2.96 28.76 6.29
C THR A 150 -2.67 28.62 7.77
N CYS A 151 -1.97 27.56 8.16
CA CYS A 151 -1.75 27.32 9.59
C CYS A 151 -0.79 28.34 10.20
N ARG A 152 0.23 28.77 9.44
CA ARG A 152 1.25 29.61 10.04
C ARG A 152 0.76 31.04 10.26
N PHE A 153 0.40 31.72 9.18
CA PHE A 153 0.15 33.16 9.28
C PHE A 153 -1.30 33.49 9.66
N LEU A 154 -2.26 32.70 9.21
CA LEU A 154 -3.65 33.08 9.33
C LEU A 154 -4.21 32.90 10.73
N LEU A 155 -3.37 32.66 11.73
CA LEU A 155 -3.78 32.64 13.14
C LEU A 155 -4.86 31.59 13.39
N ASN A 156 -4.47 30.33 13.24
CA ASN A 156 -5.31 29.19 13.58
C ASN A 156 -4.58 28.25 14.52
N SER A 157 -3.90 28.81 15.51
CA SER A 157 -2.96 28.04 16.32
C SER A 157 -3.66 27.23 17.39
N ARG A 158 -4.69 26.47 17.05
CA ARG A 158 -5.35 25.61 18.01
C ARG A 158 -5.31 24.13 17.63
N VAL A 159 -5.85 23.76 16.47
CA VAL A 159 -6.04 22.37 16.09
C VAL A 159 -5.42 22.07 14.74
N THR A 160 -5.59 22.97 13.77
CA THR A 160 -5.15 22.73 12.39
C THR A 160 -3.71 22.26 12.30
N ASP A 161 -2.92 22.47 13.35
CA ASP A 161 -1.59 21.86 13.38
C ASP A 161 -1.69 20.34 13.49
N ALA A 162 -2.67 19.84 14.24
CA ALA A 162 -2.88 18.41 14.33
C ALA A 162 -3.27 17.83 12.97
N ALA A 163 -4.20 18.50 12.27
CA ALA A 163 -4.61 18.01 10.96
C ALA A 163 -3.45 18.08 9.96
N PHE A 164 -2.70 19.18 9.98
CA PHE A 164 -1.54 19.28 9.11
C PHE A 164 -0.54 18.16 9.39
N ASN A 165 -0.36 17.81 10.66
CA ASN A 165 0.58 16.73 10.98
C ASN A 165 0.06 15.38 10.54
N PHE A 166 -1.25 15.14 10.69
CA PHE A 166 -1.82 13.92 10.14
C PHE A 166 -1.56 13.84 8.64
N LEU A 167 -1.76 14.96 7.94
CA LEU A 167 -1.52 14.96 6.50
C LEU A 167 -0.06 14.66 6.18
N LEU A 168 0.86 15.24 6.95
CA LEU A 168 2.28 15.01 6.71
C LEU A 168 2.65 13.56 6.91
N VAL A 169 2.14 12.94 7.98
CA VAL A 169 2.53 11.56 8.25
C VAL A 169 1.93 10.62 7.22
N TRP A 170 0.70 10.88 6.77
CA TRP A 170 0.12 10.06 5.72
C TRP A 170 0.90 10.22 4.42
N TYR A 171 1.27 11.45 4.10
CA TYR A 171 2.09 11.71 2.92
C TYR A 171 3.38 10.91 2.96
N TYR A 172 4.08 10.94 4.09
CA TYR A 172 5.38 10.27 4.14
C TYR A 172 5.22 8.75 4.10
N CYS A 173 4.17 8.21 4.71
CA CYS A 173 3.97 6.77 4.62
C CYS A 173 3.67 6.34 3.19
N THR A 174 2.77 7.05 2.51
CA THR A 174 2.45 6.62 1.16
C THR A 174 3.61 6.84 0.20
N LEU A 175 4.45 7.86 0.45
CA LEU A 175 5.66 7.97 -0.36
C LEU A 175 6.62 6.83 -0.09
N THR A 176 6.69 6.34 1.16
CA THR A 176 7.50 5.16 1.41
C THR A 176 7.03 3.99 0.57
N ILE A 177 5.71 3.77 0.53
CA ILE A 177 5.20 2.62 -0.23
C ILE A 177 5.51 2.77 -1.72
N ARG A 178 5.22 3.94 -2.30
CA ARG A 178 5.52 4.14 -3.71
C ARG A 178 7.01 4.03 -4.00
N GLU A 179 7.85 4.49 -3.06
CA GLU A 179 9.29 4.38 -3.25
C GLU A 179 9.73 2.93 -3.28
N SER A 180 9.16 2.10 -2.40
CA SER A 180 9.52 0.70 -2.40
C SER A 180 9.06 0.00 -3.68
N ILE A 181 7.88 0.36 -4.18
CA ILE A 181 7.44 -0.19 -5.47
C ILE A 181 8.40 0.19 -6.57
N LEU A 182 8.87 1.45 -6.57
CA LEU A 182 9.82 1.86 -7.60
C LEU A 182 11.13 1.12 -7.48
N ILE A 183 11.60 0.88 -6.26
CA ILE A 183 12.84 0.11 -6.10
C ILE A 183 12.65 -1.31 -6.61
N ASN A 184 11.50 -1.91 -6.33
CA ASN A 184 11.24 -3.26 -6.83
C ASN A 184 11.19 -3.29 -8.34
N ASN A 185 10.63 -2.24 -8.95
CA ASN A 185 10.59 -2.19 -10.40
C ASN A 185 11.93 -1.81 -11.01
N GLY A 186 12.86 -1.30 -10.22
CA GLY A 186 14.20 -1.06 -10.71
C GLY A 186 14.62 0.40 -10.74
N SER A 187 15.49 0.79 -9.82
CA SER A 187 16.08 2.12 -9.79
C SER A 187 17.26 2.11 -8.84
N ARG A 188 17.98 3.24 -8.80
CA ARG A 188 19.23 3.38 -8.05
C ARG A 188 19.07 4.20 -6.78
N ILE A 189 17.89 4.15 -6.17
CA ILE A 189 17.59 5.02 -5.03
C ILE A 189 17.68 4.22 -3.74
N LYS A 190 18.45 3.14 -3.75
CA LYS A 190 18.55 2.25 -2.60
C LYS A 190 19.59 2.74 -1.59
N GLY A 191 20.12 3.95 -1.75
CA GLY A 191 21.15 4.40 -0.85
C GLY A 191 20.68 4.83 0.52
N TRP A 192 19.95 5.94 0.60
CA TRP A 192 19.63 6.52 1.90
C TRP A 192 18.19 7.01 2.04
N TRP A 193 17.50 7.36 0.96
CA TRP A 193 16.27 8.14 1.10
C TRP A 193 15.14 7.32 1.72
N VAL A 194 15.14 6.00 1.49
CA VAL A 194 14.09 5.17 2.06
C VAL A 194 14.13 5.24 3.59
N PHE A 195 15.28 5.54 4.17
CA PHE A 195 15.34 5.75 5.60
C PHE A 195 15.06 7.20 5.97
N HIS A 196 15.36 8.13 5.06
CA HIS A 196 15.00 9.53 5.28
C HIS A 196 13.50 9.68 5.49
N HIS A 197 12.69 9.01 4.66
CA HIS A 197 11.26 9.14 4.82
C HIS A 197 10.79 8.56 6.16
N TYR A 198 11.39 7.44 6.58
CA TYR A 198 11.07 6.88 7.89
C TYR A 198 11.34 7.88 9.00
N VAL A 199 12.53 8.48 8.99
CA VAL A 199 12.88 9.35 10.11
C VAL A 199 12.04 10.61 10.09
N SER A 200 11.66 11.10 8.91
CA SER A 200 10.76 12.25 8.86
C SER A 200 9.39 11.90 9.41
N THR A 201 8.89 10.70 9.10
CA THR A 201 7.65 10.23 9.69
C THR A 201 7.73 10.22 11.22
N PHE A 202 8.82 9.68 11.74
CA PHE A 202 8.98 9.62 13.19
C PHE A 202 8.98 11.01 13.81
N LEU A 203 9.69 11.95 13.17
CA LEU A 203 9.72 13.31 13.68
C LEU A 203 8.34 13.92 13.72
N SER A 204 7.58 13.78 12.63
CA SER A 204 6.26 14.39 12.61
C SER A 204 5.36 13.77 13.67
N GLY A 205 5.46 12.45 13.86
CA GLY A 205 4.67 11.82 14.90
C GLY A 205 4.99 12.35 16.29
N VAL A 206 6.29 12.41 16.62
CA VAL A 206 6.68 12.94 17.92
C VAL A 206 6.18 14.37 18.09
N MET A 207 6.32 15.19 17.05
CA MET A 207 5.81 16.55 17.13
C MET A 207 4.30 16.55 17.33
N LEU A 208 3.61 15.51 16.87
CA LEU A 208 2.16 15.45 17.02
C LEU A 208 1.78 15.15 18.47
N THR A 209 2.49 14.21 19.11
CA THR A 209 2.20 13.93 20.51
C THR A 209 2.34 15.17 21.40
N TRP A 210 3.30 16.04 21.08
CA TRP A 210 3.61 17.24 21.83
C TRP A 210 2.37 18.01 22.21
N PRO A 211 2.05 18.13 23.49
CA PRO A 211 0.87 18.91 23.92
C PRO A 211 1.23 20.36 24.24
N ASP A 212 0.20 21.18 24.32
CA ASP A 212 0.35 22.63 24.40
C ASP A 212 1.02 23.02 25.71
N GLY A 213 2.25 23.50 25.63
CA GLY A 213 2.90 24.12 26.76
C GLY A 213 3.04 25.61 26.54
N LEU A 214 4.25 26.14 26.69
CA LEU A 214 4.55 27.52 26.32
C LEU A 214 5.59 27.62 25.22
N MET A 215 6.73 26.96 25.39
CA MET A 215 7.75 26.92 24.36
C MET A 215 7.21 26.37 23.04
N TYR A 216 6.14 25.58 23.12
CA TYR A 216 5.49 25.06 21.94
C TYR A 216 5.16 26.17 20.94
N GLN A 217 4.93 27.39 21.42
CA GLN A 217 4.61 28.49 20.51
C GLN A 217 5.82 28.86 19.65
N LYS A 218 6.95 29.18 20.30
CA LYS A 218 8.18 29.47 19.57
C LYS A 218 8.51 28.36 18.60
N PHE A 219 8.41 27.12 19.06
CA PHE A 219 8.81 26.04 18.18
C PHE A 219 7.84 25.82 17.04
N ARG A 220 6.54 26.01 17.27
CA ARG A 220 5.60 25.89 16.16
C ARG A 220 5.89 26.95 15.11
N ASN A 221 6.29 28.14 15.56
CA ASN A 221 6.62 29.19 14.60
C ASN A 221 7.78 28.75 13.70
N GLN A 222 8.90 28.40 14.33
CA GLN A 222 10.07 27.97 13.54
C GLN A 222 9.72 26.78 12.65
N PHE A 223 9.02 25.80 13.19
CA PHE A 223 8.79 24.55 12.47
C PHE A 223 7.88 24.75 11.27
N LEU A 224 6.78 25.49 11.44
CA LEU A 224 5.92 25.75 10.30
C LEU A 224 6.67 26.51 9.22
N SER A 225 7.43 27.54 9.60
CA SER A 225 8.15 28.28 8.55
C SER A 225 9.09 27.37 7.79
N PHE A 226 9.83 26.52 8.49
CA PHE A 226 10.80 25.67 7.81
C PHE A 226 10.12 24.62 6.94
N SER A 227 9.02 24.03 7.42
CA SER A 227 8.32 23.06 6.61
C SER A 227 7.75 23.70 5.35
N MET A 228 7.28 24.93 5.46
CA MET A 228 6.82 25.66 4.28
C MET A 228 7.95 25.82 3.26
N TYR A 229 9.11 26.27 3.72
CA TYR A 229 10.23 26.46 2.81
C TYR A 229 10.63 25.14 2.17
N GLN A 230 10.61 24.04 2.92
CA GLN A 230 11.02 22.77 2.35
C GLN A 230 10.00 22.29 1.31
N SER A 231 8.71 22.52 1.56
CA SER A 231 7.73 22.21 0.53
C SER A 231 8.02 22.99 -0.75
N PHE A 232 8.39 24.26 -0.62
CA PHE A 232 8.70 25.04 -1.82
C PHE A 232 9.89 24.47 -2.58
N VAL A 233 10.97 24.16 -1.86
CA VAL A 233 12.13 23.63 -2.57
C VAL A 233 11.82 22.27 -3.17
N GLN A 234 10.89 21.52 -2.55
CA GLN A 234 10.45 20.27 -3.14
C GLN A 234 9.76 20.51 -4.48
N PHE A 235 8.89 21.52 -4.54
CA PHE A 235 8.27 21.89 -5.81
C PHE A 235 9.33 22.19 -6.86
N LEU A 236 10.33 22.99 -6.49
CA LEU A 236 11.34 23.38 -7.47
C LEU A 236 12.12 22.17 -7.97
N GLN A 237 12.51 21.28 -7.06
CA GLN A 237 13.22 20.07 -7.46
C GLN A 237 12.37 19.22 -8.39
N TYR A 238 11.06 19.12 -8.11
CA TYR A 238 10.18 18.39 -9.02
C TYR A 238 10.24 18.99 -10.42
N TYR A 239 10.12 20.32 -10.51
CA TYR A 239 10.07 20.92 -11.84
C TYR A 239 11.37 20.67 -12.59
N TYR A 240 12.51 20.78 -11.89
CA TYR A 240 13.78 20.51 -12.54
C TYR A 240 13.85 19.07 -13.05
N GLN A 241 13.49 18.11 -12.20
CA GLN A 241 13.63 16.70 -12.61
C GLN A 241 12.63 16.33 -13.70
N SER A 242 11.45 16.92 -13.69
CA SER A 242 10.50 16.66 -14.77
C SER A 242 11.01 17.24 -16.09
N GLY A 243 11.59 18.44 -16.05
CA GLY A 243 12.23 18.97 -17.25
C GLY A 243 13.35 18.06 -17.74
N CYS A 244 14.13 17.52 -16.81
CA CYS A 244 15.23 16.63 -17.19
C CYS A 244 14.71 15.36 -17.84
N LEU A 245 13.64 14.79 -17.29
CA LEU A 245 13.07 13.57 -17.88
C LEU A 245 12.46 13.87 -19.25
N TYR A 246 11.77 15.00 -19.38
CA TYR A 246 11.24 15.39 -20.68
C TYR A 246 12.36 15.57 -21.70
N ARG A 247 13.54 16.01 -21.25
CA ARG A 247 14.70 16.04 -22.13
C ARG A 247 15.03 14.66 -22.68
N LEU A 248 14.73 13.60 -21.93
CA LEU A 248 14.95 12.24 -22.40
C LEU A 248 13.75 11.77 -23.23
N PHE A 264 21.38 19.75 -23.37
CA PHE A 264 20.85 18.63 -22.59
C PHE A 264 21.65 18.43 -21.31
N GLN A 265 22.78 17.73 -21.42
CA GLN A 265 23.61 17.47 -20.26
C GLN A 265 24.18 18.77 -19.68
N SER A 266 24.58 19.70 -20.55
CA SER A 266 25.15 20.95 -20.08
C SER A 266 24.10 21.77 -19.31
N TRP A 267 22.90 21.91 -19.90
CA TRP A 267 21.84 22.63 -19.21
C TRP A 267 21.43 21.91 -17.93
N MET A 268 21.45 20.58 -17.95
CA MET A 268 21.14 19.83 -16.74
C MET A 268 22.14 20.14 -15.63
N TRP A 269 23.43 20.10 -15.94
CA TRP A 269 24.44 20.39 -14.94
C TRP A 269 24.34 21.84 -14.45
N ARG A 270 24.05 22.77 -15.36
CA ARG A 270 23.89 24.16 -14.96
C ARG A 270 22.69 24.33 -14.03
N GLY A 271 21.59 23.65 -14.33
CA GLY A 271 20.43 23.71 -13.44
C GLY A 271 20.70 23.11 -12.08
N LEU A 272 21.41 21.99 -12.04
CA LEU A 272 21.74 21.39 -10.76
C LEU A 272 22.67 22.30 -9.95
N THR A 273 23.60 22.97 -10.64
CA THR A 273 24.46 23.93 -9.95
C THR A 273 23.65 25.11 -9.42
N PHE A 274 22.64 25.53 -10.17
CA PHE A 274 21.77 26.61 -9.69
C PHE A 274 20.93 26.16 -8.50
N LEU A 275 20.55 24.89 -8.46
CA LEU A 275 19.66 24.40 -7.42
C LEU A 275 20.37 23.99 -6.14
N LEU A 276 21.65 23.65 -6.23
CA LEU A 276 22.38 23.20 -5.03
C LEU A 276 22.38 24.20 -3.87
N PRO A 277 22.57 25.51 -4.09
CA PRO A 277 22.59 26.42 -2.93
C PRO A 277 21.31 26.40 -2.11
N PHE A 278 20.14 26.28 -2.74
CA PHE A 278 18.91 26.20 -1.98
C PHE A 278 18.89 24.97 -1.09
N LEU A 279 19.35 23.83 -1.62
CA LEU A 279 19.39 22.62 -0.81
C LEU A 279 20.34 22.77 0.37
N PHE A 280 21.50 23.38 0.15
CA PHE A 280 22.43 23.58 1.25
C PHE A 280 21.85 24.54 2.29
N PHE A 281 21.12 25.57 1.84
CA PHE A 281 20.48 26.48 2.77
C PHE A 281 19.42 25.77 3.59
N GLY A 282 18.65 24.89 2.95
CA GLY A 282 17.69 24.09 3.69
C GLY A 282 18.35 23.19 4.71
N HIS A 283 19.46 22.55 4.32
CA HIS A 283 20.18 21.71 5.28
C HIS A 283 20.62 22.51 6.49
N PHE A 284 21.26 23.67 6.27
CA PHE A 284 21.75 24.41 7.40
C PHE A 284 20.62 25.04 8.21
N TRP A 285 19.48 25.31 7.59
CA TRP A 285 18.30 25.68 8.37
C TRP A 285 17.89 24.53 9.27
N GLN A 286 17.92 23.30 8.77
CA GLN A 286 17.64 22.15 9.62
C GLN A 286 18.58 22.11 10.81
N LEU A 287 19.87 22.32 10.57
CA LEU A 287 20.83 22.27 11.66
C LEU A 287 20.53 23.35 12.69
N PHE A 288 20.25 24.58 12.23
CA PHE A 288 19.94 25.65 13.16
C PHE A 288 18.66 25.38 13.94
N ASN A 289 17.68 24.74 13.32
CA ASN A 289 16.48 24.37 14.04
C ASN A 289 16.80 23.37 15.15
N ALA A 290 17.58 22.35 14.82
CA ALA A 290 17.98 21.38 15.84
C ALA A 290 18.73 22.06 16.98
N LEU A 291 19.56 23.05 16.65
CA LEU A 291 20.34 23.72 17.69
C LEU A 291 19.45 24.54 18.60
N THR A 292 18.52 25.32 18.02
CA THR A 292 17.62 26.07 18.89
C THR A 292 16.74 25.15 19.70
N LEU A 293 16.45 23.94 19.19
CA LEU A 293 15.68 22.99 19.96
C LEU A 293 16.47 22.47 21.15
N PHE A 294 17.75 22.15 20.96
CA PHE A 294 18.60 21.79 22.08
C PHE A 294 18.65 22.89 23.13
N ASN A 295 18.94 24.12 22.70
CA ASN A 295 19.01 25.22 23.66
C ASN A 295 17.71 25.39 24.42
N LEU A 296 16.57 25.27 23.72
CA LEU A 296 15.29 25.39 24.40
C LEU A 296 15.10 24.29 25.43
N ALA A 297 15.48 23.06 25.08
CA ALA A 297 15.34 21.96 26.01
C ALA A 297 16.32 22.05 27.17
N GLN A 298 17.38 22.87 27.04
CA GLN A 298 18.32 23.03 28.13
C GLN A 298 17.71 23.84 29.28
N ASP A 299 17.05 24.95 28.95
CA ASP A 299 16.48 25.81 29.97
C ASP A 299 15.33 25.09 30.69
N PRO A 300 14.97 25.55 31.90
CA PRO A 300 13.89 24.88 32.64
C PRO A 300 12.60 24.79 31.84
N GLN A 301 12.22 23.56 31.51
CA GLN A 301 11.04 23.32 30.69
C GLN A 301 10.68 21.85 30.76
N CYS A 302 9.40 21.57 31.02
CA CYS A 302 8.92 20.20 31.09
C CYS A 302 8.72 19.66 29.67
N LYS A 303 8.03 18.53 29.54
CA LYS A 303 7.85 17.86 28.25
C LYS A 303 9.19 17.43 27.66
N GLU A 304 10.14 17.13 28.53
CA GLU A 304 11.48 16.75 28.08
C GLU A 304 11.41 15.56 27.13
N TRP A 305 10.49 14.63 27.39
CA TRP A 305 10.24 13.53 26.47
C TRP A 305 10.15 14.03 25.04
N GLN A 306 9.14 14.87 24.76
CA GLN A 306 8.85 15.25 23.39
C GLN A 306 9.91 16.20 22.85
N VAL A 307 10.35 17.17 23.65
CA VAL A 307 11.31 18.15 23.13
C VAL A 307 12.61 17.47 22.73
N LEU A 308 13.06 16.49 23.51
CA LEU A 308 14.34 15.89 23.18
C LEU A 308 14.19 14.82 22.09
N MET A 309 13.11 14.04 22.13
CA MET A 309 12.91 13.04 21.09
C MET A 309 12.48 13.69 19.77
N CYS A 310 12.23 15.00 19.78
CA CYS A 310 12.06 15.72 18.52
C CYS A 310 13.30 16.54 18.21
N GLY A 311 14.21 16.67 19.18
CA GLY A 311 15.49 17.28 18.90
C GLY A 311 16.43 16.35 18.16
N PHE A 312 16.48 15.09 18.58
CA PHE A 312 17.34 14.12 17.89
C PHE A 312 17.08 14.05 16.39
N PRO A 313 15.84 13.88 15.90
CA PRO A 313 15.64 13.69 14.46
C PRO A 313 16.23 14.80 13.63
N PHE A 314 15.80 16.06 13.80
CA PHE A 314 16.39 17.16 13.01
C PHE A 314 17.90 17.04 12.85
N LEU A 315 18.61 16.77 13.95
CA LEU A 315 20.06 16.64 13.86
C LEU A 315 20.45 15.48 12.95
N LEU A 316 19.92 14.28 13.22
CA LEU A 316 20.31 13.12 12.42
C LEU A 316 19.93 13.28 10.95
N LEU A 317 18.73 13.81 10.71
CA LEU A 317 18.23 14.03 9.37
C LEU A 317 19.14 14.99 8.61
N PHE A 318 19.49 16.12 9.23
CA PHE A 318 20.44 17.03 8.61
C PHE A 318 21.75 16.31 8.31
N LEU A 319 22.26 15.57 9.29
CA LEU A 319 23.55 14.92 9.11
C LEU A 319 23.55 14.03 7.87
N GLY A 320 22.60 13.11 7.82
CA GLY A 320 22.52 12.23 6.67
C GLY A 320 22.28 12.96 5.36
N ASN A 321 21.41 13.97 5.38
CA ASN A 321 21.07 14.66 4.13
C ASN A 321 22.28 15.41 3.58
N PHE A 322 22.94 16.18 4.43
CA PHE A 322 24.12 16.91 4.00
C PHE A 322 25.23 15.97 3.55
N PHE A 323 25.44 14.88 4.30
CA PHE A 323 26.46 13.92 3.92
C PHE A 323 26.19 13.34 2.53
N THR A 324 24.94 12.90 2.31
CA THR A 324 24.61 12.30 1.02
C THR A 324 24.72 13.32 -0.10
N THR A 325 24.30 14.56 0.14
CA THR A 325 24.38 15.57 -0.92
C THR A 325 25.82 15.86 -1.29
N LEU A 326 26.69 15.99 -0.28
CA LEU A 326 28.10 16.19 -0.58
C LEU A 326 28.66 15.02 -1.37
N ARG A 327 28.33 13.79 -0.96
CA ARG A 327 28.87 12.63 -1.65
C ARG A 327 28.40 12.58 -3.10
N VAL A 328 27.13 12.90 -3.35
CA VAL A 328 26.62 12.78 -4.71
C VAL A 328 27.16 13.90 -5.59
N VAL A 329 27.36 15.11 -5.03
CA VAL A 329 27.90 16.17 -5.87
C VAL A 329 29.37 15.88 -6.19
N HIS A 330 30.11 15.31 -5.24
CA HIS A 330 31.48 14.91 -5.55
C HIS A 330 31.49 13.81 -6.60
N HIS A 331 30.58 12.85 -6.50
CA HIS A 331 30.51 11.77 -7.49
C HIS A 331 30.21 12.33 -8.88
N LYS A 332 29.32 13.31 -8.96
CA LYS A 332 28.99 13.89 -10.26
C LYS A 332 30.17 14.69 -10.82
N PHE A 333 30.78 15.54 -10.00
CA PHE A 333 31.92 16.33 -10.46
C PHE A 333 33.10 15.45 -10.83
N HIS A 334 33.17 14.24 -10.26
CA HIS A 334 34.24 13.30 -10.62
C HIS A 334 34.27 13.00 -12.11
N SER A 335 33.20 13.29 -12.84
CA SER A 335 33.16 13.09 -14.29
C SER A 335 34.18 13.97 -14.98
N PRO B 8 44.63 -20.63 -11.70
CA PRO B 8 44.81 -21.36 -12.97
C PRO B 8 43.88 -20.83 -14.05
N LEU B 9 43.98 -21.41 -15.25
CA LEU B 9 43.23 -20.92 -16.40
C LEU B 9 42.33 -21.97 -17.05
N GLY B 10 42.80 -23.21 -17.18
CA GLY B 10 42.09 -24.18 -18.00
C GLY B 10 40.75 -24.59 -17.42
N ASP B 11 40.75 -24.97 -16.14
CA ASP B 11 39.52 -25.39 -15.50
C ASP B 11 38.47 -24.28 -15.51
N CYS B 12 38.86 -23.08 -15.10
CA CYS B 12 37.91 -21.97 -15.06
C CYS B 12 37.45 -21.60 -16.45
N LEU B 13 38.32 -21.67 -17.45
CA LEU B 13 37.90 -21.35 -18.82
C LEU B 13 36.91 -22.37 -19.35
N ARG B 14 37.12 -23.66 -19.04
CA ARG B 14 36.18 -24.67 -19.51
C ARG B 14 34.82 -24.54 -18.82
N ASP B 15 34.84 -24.29 -17.51
CA ASP B 15 33.58 -24.00 -16.82
C ASP B 15 32.92 -22.76 -17.40
N TRP B 16 33.72 -21.77 -17.78
CA TRP B 16 33.17 -20.58 -18.43
C TRP B 16 32.53 -20.93 -19.77
N GLU B 17 33.10 -21.88 -20.50
CA GLU B 17 32.50 -22.31 -21.76
C GLU B 17 31.15 -22.98 -21.53
N ASP B 18 31.08 -23.86 -20.53
CA ASP B 18 29.80 -24.48 -20.19
C ASP B 18 28.78 -23.41 -19.79
N LEU B 19 29.22 -22.44 -19.01
CA LEU B 19 28.36 -21.30 -18.66
C LEU B 19 27.90 -20.57 -19.92
N GLN B 20 28.77 -20.45 -20.91
CA GLN B 20 28.40 -19.77 -22.15
C GLN B 20 27.32 -20.54 -22.89
N GLN B 21 27.43 -21.86 -22.89
CA GLN B 21 26.38 -22.69 -23.51
C GLN B 21 25.04 -22.44 -22.83
N ASP B 22 25.00 -22.58 -21.51
CA ASP B 22 23.73 -22.38 -20.80
C ASP B 22 23.25 -20.94 -20.97
N PHE B 23 24.18 -20.00 -21.11
CA PHE B 23 23.84 -18.61 -21.32
C PHE B 23 23.09 -18.42 -22.63
N GLN B 24 23.64 -18.96 -23.72
CA GLN B 24 22.99 -18.81 -25.01
C GLN B 24 21.64 -19.52 -25.00
N ASN B 25 21.53 -20.63 -24.28
CA ASN B 25 20.25 -21.32 -24.19
C ASN B 25 19.19 -20.45 -23.52
N ILE B 26 19.52 -19.93 -22.33
CA ILE B 26 18.60 -19.08 -21.60
C ILE B 26 18.23 -17.85 -22.42
N GLN B 27 19.22 -17.28 -23.10
CA GLN B 27 18.98 -16.10 -23.92
C GLN B 27 18.00 -16.42 -25.04
N GLU B 28 18.16 -17.57 -25.68
CA GLU B 28 17.24 -17.94 -26.75
C GLU B 28 15.81 -18.06 -26.22
N THR B 29 15.64 -18.75 -25.09
CA THR B 29 14.29 -18.93 -24.56
C THR B 29 13.67 -17.60 -24.15
N HIS B 30 14.45 -16.74 -23.50
CA HIS B 30 13.92 -15.46 -23.05
C HIS B 30 13.57 -14.56 -24.22
N ARG B 31 14.42 -14.54 -25.26
CA ARG B 31 14.08 -13.79 -26.46
C ARG B 31 12.82 -14.35 -27.10
N LEU B 32 12.61 -15.66 -27.01
CA LEU B 32 11.39 -16.25 -27.54
C LEU B 32 10.17 -15.69 -26.84
N TYR B 33 10.11 -15.80 -25.51
CA TYR B 33 8.79 -15.61 -24.90
C TYR B 33 8.36 -14.14 -24.89
N ARG B 34 9.22 -13.22 -25.32
CA ARG B 34 8.84 -11.83 -25.46
C ARG B 34 7.62 -11.68 -26.37
N LEU B 35 7.68 -12.32 -27.54
CA LEU B 35 6.58 -12.24 -28.50
C LEU B 35 5.30 -12.83 -27.93
N LYS B 36 5.41 -13.99 -27.25
CA LYS B 36 4.24 -14.57 -26.62
C LYS B 36 3.63 -13.62 -25.61
N LEU B 37 4.45 -12.99 -24.78
CA LEU B 37 3.93 -12.03 -23.82
C LEU B 37 3.20 -10.90 -24.52
N GLU B 38 3.77 -10.40 -25.62
CA GLU B 38 3.13 -9.33 -26.37
C GLU B 38 1.75 -9.77 -26.86
N GLU B 39 1.67 -10.96 -27.46
CA GLU B 39 0.40 -11.42 -28.01
C GLU B 39 -0.61 -11.65 -26.90
N LEU B 40 -0.15 -12.11 -25.74
CA LEU B 40 -1.05 -12.30 -24.61
C LEU B 40 -1.64 -10.97 -24.16
N THR B 41 -0.81 -9.94 -24.02
CA THR B 41 -1.34 -8.63 -23.64
C THR B 41 -2.32 -8.11 -24.68
N LYS B 42 -2.00 -8.27 -25.96
CA LYS B 42 -2.90 -7.81 -27.01
C LYS B 42 -4.26 -8.48 -26.89
N LEU B 43 -4.26 -9.82 -26.81
CA LEU B 43 -5.51 -10.55 -26.76
C LEU B 43 -6.30 -10.19 -25.51
N GLN B 44 -5.60 -10.02 -24.39
CA GLN B 44 -6.27 -9.64 -23.15
C GLN B 44 -6.96 -8.29 -23.28
N ASN B 45 -6.27 -7.32 -23.88
CA ASN B 45 -6.86 -6.00 -24.08
C ASN B 45 -8.09 -6.10 -24.97
N ASN B 46 -7.97 -6.85 -26.07
CA ASN B 46 -9.12 -7.02 -26.96
C ASN B 46 -10.30 -7.63 -26.21
N CYS B 47 -10.05 -8.68 -25.44
CA CYS B 47 -11.12 -9.38 -24.74
C CYS B 47 -11.80 -8.46 -23.73
N THR B 48 -11.03 -7.72 -22.94
CA THR B 48 -11.66 -6.88 -21.94
C THR B 48 -12.46 -5.75 -22.58
N SER B 49 -11.92 -5.11 -23.63
CA SER B 49 -12.68 -4.08 -24.32
C SER B 49 -14.01 -4.64 -24.84
N SER B 50 -13.94 -5.80 -25.51
CA SER B 50 -15.15 -6.38 -26.09
C SER B 50 -16.17 -6.72 -25.01
N ILE B 51 -15.72 -7.32 -23.90
CA ILE B 51 -16.69 -7.74 -22.90
C ILE B 51 -17.32 -6.55 -22.20
N THR B 52 -16.55 -5.49 -21.96
CA THR B 52 -17.15 -4.29 -21.38
C THR B 52 -18.19 -3.71 -22.33
N ARG B 53 -17.86 -3.61 -23.62
CA ARG B 53 -18.81 -3.11 -24.60
C ARG B 53 -20.10 -3.93 -24.57
N GLN B 54 -19.98 -5.25 -24.63
CA GLN B 54 -21.16 -6.10 -24.72
C GLN B 54 -21.98 -6.04 -23.45
N LYS B 55 -21.33 -5.99 -22.28
CA LYS B 55 -22.05 -5.83 -21.02
C LYS B 55 -22.83 -4.53 -21.00
N LYS B 56 -22.21 -3.44 -21.45
CA LYS B 56 -22.91 -2.17 -21.51
C LYS B 56 -24.18 -2.27 -22.35
N ARG B 57 -24.04 -2.77 -23.58
CA ARG B 57 -25.22 -2.86 -24.43
C ARG B 57 -26.28 -3.78 -23.82
N LEU B 58 -25.84 -4.85 -23.15
CA LEU B 58 -26.78 -5.75 -22.52
C LEU B 58 -27.56 -5.05 -21.41
N GLN B 59 -26.87 -4.21 -20.63
CA GLN B 59 -27.55 -3.46 -19.59
C GLN B 59 -28.57 -2.49 -20.18
N GLU B 60 -28.22 -1.86 -21.31
CA GLU B 60 -29.19 -0.99 -21.96
C GLU B 60 -30.43 -1.77 -22.38
N LEU B 61 -30.22 -2.94 -23.00
CA LEU B 61 -31.34 -3.80 -23.34
C LEU B 61 -32.16 -4.14 -22.11
N ALA B 62 -31.49 -4.41 -20.99
CA ALA B 62 -32.19 -4.78 -19.76
C ALA B 62 -33.08 -3.65 -19.28
N LEU B 63 -32.54 -2.43 -19.27
CA LEU B 63 -33.35 -1.27 -18.84
C LEU B 63 -34.56 -1.09 -19.75
N ALA B 64 -34.33 -1.15 -21.07
CA ALA B 64 -35.42 -0.96 -22.00
C ALA B 64 -36.52 -2.00 -21.78
N LEU B 65 -36.13 -3.27 -21.63
CA LEU B 65 -37.13 -4.31 -21.47
C LEU B 65 -37.82 -4.22 -20.11
N LYS B 66 -37.10 -3.79 -19.07
CA LYS B 66 -37.74 -3.60 -17.78
C LYS B 66 -38.79 -2.51 -17.85
N LYS B 67 -38.52 -1.46 -18.61
CA LYS B 67 -39.52 -0.40 -18.76
C LYS B 67 -40.70 -0.87 -19.59
N CYS B 68 -40.45 -1.64 -20.66
CA CYS B 68 -41.55 -2.17 -21.47
C CYS B 68 -42.25 -3.35 -20.81
N LYS B 69 -41.77 -3.81 -19.66
CA LYS B 69 -42.24 -5.05 -19.03
C LYS B 69 -43.64 -4.98 -18.44
N PRO B 70 -44.01 -3.91 -17.69
CA PRO B 70 -45.24 -3.99 -16.88
C PRO B 70 -46.54 -3.99 -17.68
N SER B 71 -46.47 -4.15 -18.99
CA SER B 71 -47.67 -4.18 -19.81
C SER B 71 -48.55 -5.37 -19.46
N LEU B 72 -49.73 -5.45 -20.08
CA LEU B 72 -50.71 -6.46 -19.70
C LEU B 72 -50.15 -7.86 -19.93
N PRO B 73 -50.35 -8.79 -18.98
CA PRO B 73 -49.81 -10.14 -19.14
C PRO B 73 -50.75 -11.07 -19.88
N ALA B 74 -51.72 -10.50 -20.60
CA ALA B 74 -52.71 -11.31 -21.31
C ALA B 74 -52.06 -12.27 -22.31
N GLU B 75 -50.84 -12.01 -22.73
CA GLU B 75 -50.12 -12.90 -23.63
C GLU B 75 -49.13 -13.76 -22.83
N ALA B 76 -48.38 -14.60 -23.55
CA ALA B 76 -47.47 -15.53 -22.90
C ALA B 76 -46.23 -14.83 -22.39
N GLU B 77 -46.41 -13.91 -21.45
CA GLU B 77 -45.29 -13.14 -20.92
C GLU B 77 -44.41 -13.94 -19.99
N GLY B 78 -44.80 -15.18 -19.65
CA GLY B 78 -43.87 -16.06 -18.96
C GLY B 78 -42.57 -16.23 -19.72
N ALA B 79 -42.64 -16.23 -21.06
CA ALA B 79 -41.43 -16.23 -21.87
C ALA B 79 -40.57 -15.02 -21.55
N ALA B 80 -41.21 -13.89 -21.25
CA ALA B 80 -40.44 -12.71 -20.87
C ALA B 80 -39.71 -12.95 -19.55
N GLN B 81 -40.38 -13.61 -18.61
CA GLN B 81 -39.72 -13.95 -17.35
C GLN B 81 -38.53 -14.87 -17.58
N GLU B 82 -38.69 -15.82 -18.51
CA GLU B 82 -37.56 -16.68 -18.87
C GLU B 82 -36.43 -15.88 -19.48
N LEU B 83 -36.74 -14.96 -20.38
CA LEU B 83 -35.73 -14.08 -20.95
C LEU B 83 -35.04 -13.27 -19.84
N GLU B 84 -35.78 -12.90 -18.82
CA GLU B 84 -35.19 -12.16 -17.71
C GLU B 84 -34.23 -13.04 -16.90
N ASN B 85 -34.64 -14.26 -16.59
CA ASN B 85 -33.72 -15.23 -15.99
C ASN B 85 -32.47 -15.37 -16.85
N GLN B 86 -32.64 -15.40 -18.17
CA GLN B 86 -31.50 -15.52 -19.06
C GLN B 86 -30.58 -14.31 -18.95
N MET B 87 -31.16 -13.10 -18.87
CA MET B 87 -30.34 -11.91 -18.68
C MET B 87 -29.56 -11.99 -17.37
N LYS B 88 -30.21 -12.46 -16.31
CA LYS B 88 -29.53 -12.54 -15.02
C LYS B 88 -28.37 -13.53 -15.06
N GLU B 89 -28.60 -14.71 -15.63
CA GLU B 89 -27.52 -15.68 -15.73
C GLU B 89 -26.43 -15.20 -16.67
N ARG B 90 -26.78 -14.41 -17.69
CA ARG B 90 -25.75 -13.82 -18.54
C ARG B 90 -24.89 -12.85 -17.75
N GLN B 91 -25.53 -12.03 -16.92
CA GLN B 91 -24.77 -11.13 -16.05
C GLN B 91 -23.83 -11.92 -15.16
N GLY B 92 -24.31 -13.03 -14.59
CA GLY B 92 -23.45 -13.85 -13.76
C GLY B 92 -22.28 -14.45 -14.51
N LEU B 93 -22.54 -14.91 -15.74
CA LEU B 93 -21.48 -15.47 -16.56
C LEU B 93 -20.42 -14.43 -16.88
N PHE B 94 -20.85 -13.25 -17.32
CA PHE B 94 -19.92 -12.15 -17.55
C PHE B 94 -19.12 -11.86 -16.29
N PHE B 95 -19.79 -11.88 -15.13
CA PHE B 95 -19.10 -11.59 -13.88
C PHE B 95 -17.99 -12.60 -13.61
N ASP B 96 -18.34 -13.88 -13.52
CA ASP B 96 -17.31 -14.85 -13.14
C ASP B 96 -16.25 -14.99 -14.22
N MET B 97 -16.58 -14.65 -15.47
CA MET B 97 -15.56 -14.67 -16.51
C MET B 97 -14.59 -13.51 -16.33
N GLU B 98 -15.10 -12.31 -16.09
CA GLU B 98 -14.23 -11.15 -15.95
C GLU B 98 -13.44 -11.17 -14.65
N ALA B 99 -13.91 -11.92 -13.65
CA ALA B 99 -13.13 -12.04 -12.42
C ALA B 99 -11.76 -12.67 -12.67
N TYR B 100 -11.63 -13.43 -13.76
CA TYR B 100 -10.39 -14.08 -14.13
C TYR B 100 -9.46 -13.15 -14.90
N LEU B 101 -9.84 -11.88 -15.05
CA LEU B 101 -9.20 -10.96 -15.98
C LEU B 101 -8.85 -9.66 -15.26
N PRO B 102 -7.66 -9.11 -15.48
CA PRO B 102 -7.21 -7.98 -14.67
C PRO B 102 -8.06 -6.74 -14.87
N LYS B 103 -8.18 -5.95 -13.81
CA LYS B 103 -9.04 -4.78 -13.77
C LYS B 103 -8.23 -3.55 -13.42
N LYS B 104 -8.83 -2.38 -13.62
CA LYS B 104 -8.27 -1.12 -13.18
C LYS B 104 -8.51 -0.99 -11.69
N ASN B 105 -7.62 -0.29 -11.00
CA ASN B 105 -7.65 -0.25 -9.54
C ASN B 105 -8.98 0.28 -9.02
N GLY B 106 -9.40 1.43 -9.50
CA GLY B 106 -10.56 2.08 -8.94
C GLY B 106 -10.20 3.46 -8.41
N LEU B 107 -10.65 3.80 -7.21
CA LEU B 107 -10.34 5.09 -6.64
C LEU B 107 -9.31 5.05 -5.52
N TYR B 108 -9.55 4.28 -4.46
CA TYR B 108 -8.67 4.35 -3.30
C TYR B 108 -7.27 3.85 -3.62
N LEU B 109 -7.17 2.66 -4.20
CA LEU B 109 -5.85 2.12 -4.53
C LEU B 109 -5.12 3.03 -5.51
N SER B 110 -5.85 3.64 -6.44
CA SER B 110 -5.20 4.58 -7.35
C SER B 110 -4.59 5.74 -6.59
N LEU B 111 -5.14 6.06 -5.42
CA LEU B 111 -4.62 7.18 -4.64
C LEU B 111 -3.35 6.80 -3.88
N VAL B 112 -3.25 5.55 -3.44
CA VAL B 112 -2.07 5.12 -2.71
C VAL B 112 -1.02 4.55 -3.67
N LEU B 113 -1.40 3.57 -4.48
CA LEU B 113 -0.47 2.95 -5.41
C LEU B 113 -0.55 3.57 -6.79
N GLY B 114 -1.68 3.44 -7.48
CA GLY B 114 -1.85 4.13 -8.73
C GLY B 114 -1.33 3.36 -9.92
N ASN B 115 -2.21 3.07 -10.88
CA ASN B 115 -1.84 2.46 -12.15
C ASN B 115 -0.96 1.23 -11.95
N VAL B 116 -1.43 0.31 -11.12
CA VAL B 116 -0.77 -0.97 -10.94
C VAL B 116 -1.79 -2.08 -11.18
N ASN B 117 -1.36 -3.13 -11.86
CA ASN B 117 -2.26 -4.23 -12.21
C ASN B 117 -2.26 -5.30 -11.10
N VAL B 118 -2.68 -4.88 -9.92
CA VAL B 118 -2.78 -5.82 -8.81
C VAL B 118 -4.08 -6.60 -8.94
N THR B 119 -4.00 -7.74 -9.62
CA THR B 119 -5.16 -8.60 -9.82
C THR B 119 -4.64 -10.02 -10.04
N LEU B 120 -4.72 -10.85 -9.00
CA LEU B 120 -4.30 -12.23 -9.14
C LEU B 120 -5.18 -12.94 -10.16
N LEU B 121 -4.59 -13.86 -10.92
CA LEU B 121 -5.27 -14.47 -12.05
C LEU B 121 -5.30 -15.99 -11.93
N SER B 122 -5.38 -16.51 -10.73
CA SER B 122 -5.43 -17.96 -10.52
C SER B 122 -6.14 -18.25 -9.22
N LYS B 123 -7.17 -19.10 -9.28
CA LYS B 123 -7.93 -19.45 -8.09
C LYS B 123 -7.02 -19.87 -6.95
N GLN B 124 -5.97 -20.64 -7.26
CA GLN B 124 -5.03 -21.05 -6.23
C GLN B 124 -4.34 -19.85 -5.62
N ALA B 125 -3.81 -18.96 -6.47
CA ALA B 125 -3.10 -17.80 -5.94
C ALA B 125 -4.03 -16.89 -5.16
N LYS B 126 -5.23 -16.67 -5.67
CA LYS B 126 -6.19 -15.82 -4.97
C LYS B 126 -6.53 -16.38 -3.60
N PHE B 127 -6.83 -17.68 -3.54
CA PHE B 127 -7.19 -18.30 -2.27
C PHE B 127 -6.02 -18.27 -1.29
N ALA B 128 -4.81 -18.56 -1.78
CA ALA B 128 -3.64 -18.51 -0.92
C ALA B 128 -3.42 -17.11 -0.37
N TYR B 129 -3.66 -16.09 -1.19
CA TYR B 129 -3.51 -14.73 -0.71
C TYR B 129 -4.53 -14.41 0.37
N LYS B 130 -5.78 -14.82 0.19
CA LYS B 130 -6.77 -14.55 1.23
C LYS B 130 -6.40 -15.24 2.54
N ASP B 131 -5.92 -16.49 2.45
CA ASP B 131 -5.51 -17.19 3.64
C ASP B 131 -4.35 -16.48 4.33
N GLU B 132 -3.37 -16.02 3.56
CA GLU B 132 -2.27 -15.27 4.15
C GLU B 132 -2.77 -13.99 4.82
N TYR B 133 -3.78 -13.36 4.23
CA TYR B 133 -4.34 -12.15 4.84
C TYR B 133 -4.93 -12.46 6.21
N GLU B 134 -5.70 -13.54 6.31
CA GLU B 134 -6.26 -13.89 7.62
C GLU B 134 -5.18 -14.24 8.62
N LYS B 135 -4.15 -14.96 8.18
CA LYS B 135 -3.06 -15.29 9.11
C LYS B 135 -2.36 -14.03 9.61
N PHE B 136 -2.18 -13.05 8.73
CA PHE B 136 -1.60 -11.79 9.16
C PHE B 136 -2.47 -11.10 10.19
N LYS B 137 -3.78 -11.07 9.94
CA LYS B 137 -4.68 -10.47 10.92
C LYS B 137 -4.53 -11.13 12.28
N LEU B 138 -4.47 -12.47 12.31
CA LEU B 138 -4.29 -13.17 13.57
C LEU B 138 -2.99 -12.75 14.26
N TYR B 139 -1.87 -12.82 13.54
CA TYR B 139 -0.58 -12.55 14.19
C TYR B 139 -0.53 -11.14 14.75
N LEU B 140 -1.04 -10.16 14.00
CA LEU B 140 -1.01 -8.82 14.52
C LEU B 140 -1.99 -8.65 15.67
N THR B 141 -3.08 -9.42 15.69
CA THR B 141 -3.96 -9.39 16.85
C THR B 141 -3.26 -9.89 18.11
N ILE B 142 -2.45 -10.94 17.98
CA ILE B 142 -1.68 -11.42 19.14
C ILE B 142 -0.73 -10.35 19.64
N ILE B 143 0.04 -9.75 18.73
CA ILE B 143 0.94 -8.69 19.15
C ILE B 143 0.17 -7.58 19.87
N LEU B 144 -0.98 -7.21 19.31
CA LEU B 144 -1.75 -6.11 19.87
C LEU B 144 -2.27 -6.45 21.26
N ILE B 145 -2.72 -7.69 21.48
CA ILE B 145 -3.26 -8.04 22.78
C ILE B 145 -2.16 -8.10 23.82
N LEU B 146 -0.95 -8.53 23.43
CA LEU B 146 0.12 -8.55 24.41
C LEU B 146 0.54 -7.12 24.79
N ILE B 147 0.63 -6.22 23.81
CA ILE B 147 0.95 -4.84 24.15
C ILE B 147 -0.15 -4.22 25.00
N SER B 148 -1.41 -4.55 24.72
CA SER B 148 -2.51 -4.02 25.51
C SER B 148 -2.42 -4.51 26.95
N PHE B 149 -2.16 -5.80 27.15
CA PHE B 149 -1.99 -6.32 28.50
C PHE B 149 -0.86 -5.62 29.23
N THR B 150 0.27 -5.40 28.53
CA THR B 150 1.39 -4.72 29.18
C THR B 150 1.02 -3.31 29.58
N CYS B 151 0.34 -2.57 28.69
CA CYS B 151 0.04 -1.17 28.98
C CYS B 151 -1.00 -1.03 30.10
N ARG B 152 -1.98 -1.93 30.16
CA ARG B 152 -3.07 -1.73 31.10
C ARG B 152 -2.65 -2.03 32.53
N PHE B 153 -2.26 -3.28 32.79
CA PHE B 153 -2.07 -3.70 34.17
C PHE B 153 -0.67 -3.42 34.70
N LEU B 154 0.35 -3.50 33.86
CA LEU B 154 1.72 -3.48 34.34
C LEU B 154 2.20 -2.09 34.73
N LEU B 155 1.31 -1.10 34.82
CA LEU B 155 1.63 0.22 35.35
C LEU B 155 2.73 0.89 34.53
N ASN B 156 2.41 1.20 33.28
CA ASN B 156 3.28 1.98 32.41
C ASN B 156 2.53 3.17 31.83
N SER B 157 1.77 3.86 32.67
CA SER B 157 0.81 4.85 32.20
C SER B 157 1.47 6.17 31.89
N ARG B 158 2.56 6.18 31.12
CA ARG B 158 3.19 7.42 30.72
C ARG B 158 3.23 7.61 29.21
N VAL B 159 3.86 6.70 28.47
CA VAL B 159 4.13 6.87 27.05
C VAL B 159 3.61 5.70 26.23
N THR B 160 3.79 4.47 26.72
CA THR B 160 3.45 3.27 25.97
C THR B 160 2.04 3.30 25.40
N ASP B 161 1.18 4.16 25.94
CA ASP B 161 -0.12 4.36 25.31
C ASP B 161 0.03 5.03 23.94
N ALA B 162 0.98 5.96 23.82
CA ALA B 162 1.25 6.57 22.53
C ALA B 162 1.74 5.54 21.52
N ALA B 163 2.68 4.68 21.94
CA ALA B 163 3.19 3.67 21.03
C ALA B 163 2.09 2.67 20.65
N PHE B 164 1.30 2.25 21.63
CA PHE B 164 0.19 1.36 21.34
C PHE B 164 -0.77 1.99 20.34
N ASN B 165 -1.01 3.29 20.47
CA ASN B 165 -1.93 3.95 19.54
C ASN B 165 -1.33 4.06 18.15
N PHE B 166 -0.03 4.34 18.06
CA PHE B 166 0.63 4.30 16.76
C PHE B 166 0.46 2.94 16.12
N LEU B 167 0.66 1.88 16.91
CA LEU B 167 0.51 0.54 16.36
C LEU B 167 -0.92 0.29 15.88
N LEU B 168 -1.91 0.76 16.65
CA LEU B 168 -3.30 0.56 16.26
C LEU B 168 -3.62 1.27 14.97
N VAL B 169 -3.15 2.51 14.81
CA VAL B 169 -3.50 3.26 13.61
C VAL B 169 -2.79 2.67 12.40
N TRP B 170 -1.55 2.21 12.55
CA TRP B 170 -0.88 1.56 11.43
C TRP B 170 -1.58 0.27 11.06
N TYR B 171 -1.98 -0.50 12.06
CA TYR B 171 -2.74 -1.72 11.81
C TYR B 171 -4.00 -1.44 11.01
N TYR B 172 -4.77 -0.43 11.41
CA TYR B 172 -6.04 -0.19 10.72
C TYR B 172 -5.81 0.34 9.31
N CYS B 173 -4.78 1.15 9.10
CA CYS B 173 -4.52 1.61 7.75
C CYS B 173 -4.12 0.45 6.83
N THR B 174 -3.20 -0.40 7.30
CA THR B 174 -2.78 -1.48 6.42
C THR B 174 -3.90 -2.51 6.20
N LEU B 175 -4.79 -2.68 7.19
CA LEU B 175 -5.95 -3.52 6.92
C LEU B 175 -6.88 -2.89 5.90
N THR B 176 -7.00 -1.56 5.90
CA THR B 176 -7.78 -0.91 4.85
C THR B 176 -7.21 -1.24 3.48
N ILE B 177 -5.88 -1.15 3.34
CA ILE B 177 -5.28 -1.40 2.03
C ILE B 177 -5.51 -2.86 1.60
N ARG B 178 -5.23 -3.81 2.49
CA ARG B 178 -5.45 -5.21 2.13
C ARG B 178 -6.92 -5.49 1.84
N GLU B 179 -7.83 -4.83 2.56
CA GLU B 179 -9.25 -5.02 2.30
C GLU B 179 -9.62 -4.53 0.92
N SER B 180 -9.07 -3.39 0.51
CA SER B 180 -9.38 -2.88 -0.82
C SER B 180 -8.81 -3.79 -1.90
N ILE B 181 -7.62 -4.34 -1.68
CA ILE B 181 -7.08 -5.31 -2.64
C ILE B 181 -7.99 -6.51 -2.75
N LEU B 182 -8.51 -6.99 -1.61
CA LEU B 182 -9.40 -8.15 -1.67
C LEU B 182 -10.70 -7.81 -2.40
N ILE B 183 -11.23 -6.61 -2.20
CA ILE B 183 -12.44 -6.22 -2.93
C ILE B 183 -12.16 -6.17 -4.41
N ASN B 184 -11.01 -5.63 -4.80
CA ASN B 184 -10.66 -5.58 -6.22
C ASN B 184 -10.52 -6.98 -6.80
N ASN B 185 -9.97 -7.91 -6.03
CA ASN B 185 -9.84 -9.27 -6.51
C ASN B 185 -11.15 -10.03 -6.46
N GLY B 186 -12.15 -9.52 -5.75
CA GLY B 186 -13.47 -10.13 -5.79
C GLY B 186 -13.94 -10.71 -4.47
N SER B 187 -14.89 -10.04 -3.82
CA SER B 187 -15.53 -10.53 -2.61
C SER B 187 -16.77 -9.69 -2.35
N ARG B 188 -17.53 -10.10 -1.33
CA ARG B 188 -18.83 -9.51 -1.01
C ARG B 188 -18.78 -8.64 0.24
N ILE B 189 -17.64 -8.01 0.49
CA ILE B 189 -17.44 -7.25 1.73
C ILE B 189 -17.57 -5.76 1.47
N LYS B 190 -18.30 -5.40 0.40
CA LYS B 190 -18.44 -4.01 0.01
C LYS B 190 -19.55 -3.30 0.77
N GLY B 191 -20.12 -3.92 1.80
CA GLY B 191 -21.22 -3.29 2.49
C GLY B 191 -20.85 -2.16 3.41
N TRP B 192 -20.18 -2.47 4.52
CA TRP B 192 -19.96 -1.46 5.56
C TRP B 192 -18.56 -1.46 6.15
N TRP B 193 -17.81 -2.57 6.12
CA TRP B 193 -16.63 -2.67 6.97
C TRP B 193 -15.50 -1.75 6.50
N VAL B 194 -15.43 -1.46 5.20
CA VAL B 194 -14.39 -0.59 4.70
C VAL B 194 -14.52 0.80 5.32
N PHE B 195 -15.72 1.18 5.75
CA PHE B 195 -15.87 2.43 6.47
C PHE B 195 -15.68 2.25 7.97
N HIS B 196 -15.96 1.04 8.47
CA HIS B 196 -15.67 0.74 9.87
C HIS B 196 -14.20 0.94 10.19
N HIS B 197 -13.31 0.46 9.31
CA HIS B 197 -11.89 0.61 9.57
C HIS B 197 -11.49 2.09 9.55
N TYR B 198 -12.07 2.87 8.64
CA TYR B 198 -11.80 4.30 8.62
C TYR B 198 -12.18 4.95 9.94
N VAL B 199 -13.39 4.68 10.42
CA VAL B 199 -13.84 5.38 11.62
C VAL B 199 -13.05 4.93 12.83
N SER B 200 -12.63 3.66 12.87
CA SER B 200 -11.78 3.23 13.98
C SER B 200 -10.42 3.93 13.94
N THR B 201 -9.86 4.10 12.74
CA THR B 201 -8.64 4.88 12.60
C THR B 201 -8.81 6.29 13.15
N PHE B 202 -9.91 6.94 12.77
CA PHE B 202 -10.16 8.29 13.24
C PHE B 202 -10.25 8.35 14.76
N LEU B 203 -10.95 7.38 15.35
CA LEU B 203 -11.07 7.35 16.80
C LEU B 203 -9.72 7.22 17.46
N SER B 204 -8.89 6.29 16.98
CA SER B 204 -7.60 6.09 17.62
C SER B 204 -6.74 7.35 17.48
N GLY B 205 -6.80 8.01 16.33
CA GLY B 205 -6.05 9.25 16.18
C GLY B 205 -6.48 10.32 17.16
N VAL B 206 -7.79 10.55 17.26
CA VAL B 206 -8.28 11.54 18.21
C VAL B 206 -7.85 11.20 19.62
N MET B 207 -7.96 9.92 19.99
CA MET B 207 -7.51 9.51 21.31
C MET B 207 -6.02 9.75 21.48
N LEU B 208 -5.26 9.74 20.39
CA LEU B 208 -3.83 9.97 20.48
C LEU B 208 -3.52 11.43 20.75
N THR B 209 -4.22 12.35 20.08
CA THR B 209 -4.01 13.76 20.35
C THR B 209 -4.25 14.12 21.81
N TRP B 210 -5.22 13.46 22.45
CA TRP B 210 -5.64 13.70 23.82
C TRP B 210 -4.45 13.82 24.75
N PRO B 211 -4.21 14.98 25.36
CA PRO B 211 -3.10 15.13 26.31
C PRO B 211 -3.53 14.87 27.74
N ASP B 212 -2.54 14.69 28.60
CA ASP B 212 -2.76 14.21 29.96
C ASP B 212 -3.52 15.26 30.77
N GLY B 213 -4.76 14.96 31.11
CA GLY B 213 -5.50 15.75 32.06
C GLY B 213 -5.69 14.99 33.36
N LEU B 214 -6.94 14.87 33.83
CA LEU B 214 -7.26 14.01 34.96
C LEU B 214 -8.24 12.91 34.58
N MET B 215 -9.36 13.27 33.96
CA MET B 215 -10.32 12.28 33.47
C MET B 215 -9.67 11.29 32.52
N TYR B 216 -8.58 11.70 31.88
CA TYR B 216 -7.84 10.82 31.00
C TYR B 216 -7.50 9.50 31.68
N GLN B 217 -7.35 9.50 33.01
CA GLN B 217 -7.01 8.26 33.70
C GLN B 217 -8.19 7.27 33.66
N LYS B 218 -9.36 7.71 34.12
CA LYS B 218 -10.55 6.88 34.06
C LYS B 218 -10.77 6.37 32.65
N PHE B 219 -10.65 7.28 31.67
CA PHE B 219 -10.96 6.84 30.32
C PHE B 219 -9.91 5.90 29.75
N ARG B 220 -8.64 6.09 30.09
CA ARG B 220 -7.63 5.14 29.63
C ARG B 220 -7.90 3.77 30.21
N ASN B 221 -8.38 3.73 31.46
CA ASN B 221 -8.69 2.43 32.05
C ASN B 221 -9.77 1.72 31.25
N GLN B 222 -10.92 2.38 31.08
CA GLN B 222 -12.01 1.76 30.33
C GLN B 222 -11.57 1.39 28.92
N PHE B 223 -10.85 2.29 28.25
CA PHE B 223 -10.53 2.09 26.84
C PHE B 223 -9.56 0.95 26.64
N LEU B 224 -8.51 0.86 27.45
CA LEU B 224 -7.58 -0.25 27.32
C LEU B 224 -8.30 -1.57 27.59
N SER B 225 -9.13 -1.63 28.63
CA SER B 225 -9.81 -2.90 28.90
C SER B 225 -10.66 -3.31 27.71
N PHE B 226 -11.41 -2.37 27.14
CA PHE B 226 -12.30 -2.73 26.03
C PHE B 226 -11.52 -3.12 24.79
N SER B 227 -10.44 -2.41 24.48
CA SER B 227 -9.64 -2.77 23.32
C SER B 227 -9.03 -4.15 23.48
N MET B 228 -8.62 -4.49 24.70
CA MET B 228 -8.12 -5.84 24.97
C MET B 228 -9.18 -6.89 24.67
N TYR B 229 -10.39 -6.67 25.19
CA TYR B 229 -11.46 -7.64 24.96
C TYR B 229 -11.77 -7.76 23.47
N GLN B 230 -11.75 -6.65 22.73
CA GLN B 230 -12.06 -6.73 21.32
C GLN B 230 -10.97 -7.47 20.55
N SER B 231 -9.71 -7.27 20.93
CA SER B 231 -8.65 -8.08 20.33
C SER B 231 -8.90 -9.56 20.56
N PHE B 232 -9.33 -9.93 21.76
CA PHE B 232 -9.59 -11.34 22.03
C PHE B 232 -10.71 -11.88 21.15
N VAL B 233 -11.83 -11.15 21.06
CA VAL B 233 -12.92 -11.66 20.24
C VAL B 233 -12.51 -11.69 18.78
N GLN B 234 -11.59 -10.81 18.36
CA GLN B 234 -11.06 -10.87 17.01
C GLN B 234 -10.31 -12.17 16.78
N PHE B 235 -9.47 -12.56 17.75
CA PHE B 235 -8.79 -13.85 17.66
C PHE B 235 -9.80 -14.98 17.49
N LEU B 236 -10.85 -14.97 18.31
CA LEU B 236 -11.82 -16.08 18.25
C LEU B 236 -12.52 -16.12 16.90
N GLN B 237 -12.92 -14.96 16.38
CA GLN B 237 -13.56 -14.92 15.07
C GLN B 237 -12.61 -15.42 13.99
N TYR B 238 -11.32 -15.08 14.08
CA TYR B 238 -10.36 -15.62 13.12
C TYR B 238 -10.36 -17.13 13.16
N TYR B 239 -10.29 -17.71 14.36
CA TYR B 239 -10.19 -19.17 14.43
C TYR B 239 -11.43 -19.82 13.84
N TYR B 240 -12.61 -19.26 14.14
CA TYR B 240 -13.82 -19.82 13.56
C TYR B 240 -13.80 -19.76 12.04
N GLN B 241 -13.46 -18.60 11.48
CA GLN B 241 -13.51 -18.46 10.02
C GLN B 241 -12.45 -19.28 9.34
N SER B 242 -11.28 -19.45 9.96
CA SER B 242 -10.26 -20.32 9.37
C SER B 242 -10.71 -21.78 9.40
N GLY B 243 -11.34 -22.21 10.49
CA GLY B 243 -11.93 -23.54 10.49
C GLY B 243 -12.98 -23.70 9.41
N CYS B 244 -13.79 -22.68 9.20
CA CYS B 244 -14.83 -22.75 8.17
C CYS B 244 -14.22 -22.86 6.78
N LEU B 245 -13.16 -22.09 6.52
CA LEU B 245 -12.51 -22.17 5.21
C LEU B 245 -11.83 -23.51 5.01
N TYR B 246 -11.18 -24.04 6.06
CA TYR B 246 -10.59 -25.36 5.97
C TYR B 246 -11.66 -26.41 5.69
N ARG B 247 -12.87 -26.21 6.20
CA ARG B 247 -13.98 -27.09 5.83
C ARG B 247 -14.22 -27.10 4.33
N LEU B 248 -13.92 -25.99 3.64
CA LEU B 248 -14.05 -25.94 2.19
C LEU B 248 -12.79 -26.48 1.52
N PHE B 264 -20.71 -29.89 8.41
CA PHE B 264 -20.19 -28.73 7.69
C PHE B 264 -21.06 -27.50 7.93
N GLN B 265 -22.15 -27.38 7.17
CA GLN B 265 -23.04 -26.25 7.31
C GLN B 265 -23.70 -26.22 8.69
N SER B 266 -24.08 -27.38 9.21
CA SER B 266 -24.72 -27.44 10.51
C SER B 266 -23.76 -26.99 11.61
N TRP B 267 -22.54 -27.53 11.60
CA TRP B 267 -21.54 -27.12 12.59
C TRP B 267 -21.19 -25.65 12.42
N MET B 268 -21.15 -25.17 11.17
CA MET B 268 -20.89 -23.75 10.94
C MET B 268 -21.95 -22.88 11.58
N TRP B 269 -23.23 -23.22 11.36
CA TRP B 269 -24.31 -22.44 11.93
C TRP B 269 -24.29 -22.51 13.45
N ARG B 270 -23.99 -23.69 14.00
CA ARG B 270 -23.91 -23.82 15.45
C ARG B 270 -22.78 -22.98 16.02
N GLY B 271 -21.63 -22.96 15.35
CA GLY B 271 -20.54 -22.11 15.80
C GLY B 271 -20.86 -20.64 15.73
N LEU B 272 -21.52 -20.21 14.66
CA LEU B 272 -21.91 -18.81 14.56
C LEU B 272 -22.92 -18.44 15.64
N THR B 273 -23.84 -19.36 15.96
CA THR B 273 -24.77 -19.12 17.04
C THR B 273 -24.05 -19.03 18.38
N PHE B 274 -23.01 -19.85 18.56
CA PHE B 274 -22.21 -19.76 19.79
C PHE B 274 -21.44 -18.46 19.86
N LEU B 275 -21.00 -17.93 18.73
CA LEU B 275 -20.16 -16.75 18.71
C LEU B 275 -20.92 -15.44 18.76
N LEU B 276 -22.18 -15.45 18.33
CA LEU B 276 -22.97 -14.20 18.31
C LEU B 276 -23.08 -13.50 19.67
N PRO B 277 -23.31 -14.19 20.79
CA PRO B 277 -23.43 -13.45 22.06
C PRO B 277 -22.21 -12.64 22.42
N PHE B 278 -21.00 -13.13 22.14
CA PHE B 278 -19.82 -12.34 22.43
C PHE B 278 -19.80 -11.06 21.62
N LEU B 279 -20.18 -11.14 20.34
CA LEU B 279 -20.22 -9.94 19.51
C LEU B 279 -21.24 -8.95 20.03
N PHE B 280 -22.41 -9.44 20.45
CA PHE B 280 -23.41 -8.51 20.97
C PHE B 280 -22.94 -7.88 22.29
N PHE B 281 -22.23 -8.66 23.12
CA PHE B 281 -21.68 -8.11 24.34
C PHE B 281 -20.64 -7.04 24.05
N GLY B 282 -19.80 -7.27 23.05
CA GLY B 282 -18.85 -6.24 22.64
C GLY B 282 -19.54 -5.00 22.14
N HIS B 283 -20.60 -5.16 21.33
CA HIS B 283 -21.34 -3.99 20.86
C HIS B 283 -21.88 -3.18 22.02
N PHE B 284 -22.54 -3.85 22.98
CA PHE B 284 -23.15 -3.09 24.06
C PHE B 284 -22.10 -2.53 25.01
N TRP B 285 -20.92 -3.15 25.09
CA TRP B 285 -19.81 -2.53 25.79
C TRP B 285 -19.42 -1.24 25.08
N GLN B 286 -19.36 -1.25 23.75
CA GLN B 286 -19.09 -0.03 23.02
C GLN B 286 -20.09 1.05 23.37
N LEU B 287 -21.37 0.70 23.39
CA LEU B 287 -22.40 1.69 23.69
C LEU B 287 -22.21 2.26 25.09
N PHE B 288 -21.95 1.39 26.08
CA PHE B 288 -21.73 1.87 27.43
C PHE B 288 -20.51 2.74 27.55
N ASN B 289 -19.46 2.44 26.78
CA ASN B 289 -18.29 3.30 26.78
C ASN B 289 -18.63 4.68 26.25
N ALA B 290 -19.36 4.73 25.13
CA ALA B 290 -19.77 6.02 24.58
C ALA B 290 -20.62 6.79 25.59
N LEU B 291 -21.47 6.09 26.33
CA LEU B 291 -22.33 6.77 27.29
C LEU B 291 -21.54 7.35 28.44
N THR B 292 -20.60 6.56 29.00
CA THR B 292 -19.79 7.12 30.08
C THR B 292 -18.93 8.26 29.57
N LEU B 293 -18.56 8.24 28.29
CA LEU B 293 -17.79 9.34 27.73
C LEU B 293 -18.63 10.60 27.65
N PHE B 294 -19.88 10.48 27.20
CA PHE B 294 -20.79 11.63 27.22
C PHE B 294 -20.94 12.19 28.63
N ASN B 295 -21.26 11.32 29.60
CA ASN B 295 -21.43 11.80 30.97
C ASN B 295 -20.19 12.50 31.48
N LEU B 296 -19.01 11.94 31.18
CA LEU B 296 -17.77 12.58 31.61
C LEU B 296 -17.60 13.95 30.98
N ALA B 297 -17.90 14.07 29.69
CA ALA B 297 -17.78 15.35 29.02
C ALA B 297 -18.83 16.35 29.48
N GLN B 298 -19.91 15.88 30.13
CA GLN B 298 -20.92 16.79 30.62
C GLN B 298 -20.42 17.58 31.83
N ASP B 299 -19.79 16.89 32.78
CA ASP B 299 -19.31 17.54 33.99
C ASP B 299 -18.19 18.53 33.66
N PRO B 300 -17.90 19.49 34.55
CA PRO B 300 -16.85 20.47 34.27
C PRO B 300 -15.52 19.82 33.97
N GLN B 301 -15.06 19.98 32.73
CA GLN B 301 -13.83 19.36 32.27
C GLN B 301 -13.41 19.99 30.96
N CYS B 302 -12.14 20.38 30.87
CA CYS B 302 -11.61 20.98 29.65
C CYS B 302 -11.31 19.86 28.64
N LYS B 303 -10.56 20.20 27.59
CA LYS B 303 -10.28 19.26 26.50
C LYS B 303 -11.55 18.81 25.81
N GLU B 304 -12.55 19.69 25.79
CA GLU B 304 -13.84 19.36 25.19
C GLU B 304 -13.67 18.92 23.74
N TRP B 305 -12.73 19.55 23.03
CA TRP B 305 -12.38 19.11 21.68
C TRP B 305 -12.22 17.60 21.63
N GLN B 306 -11.23 17.08 22.36
CA GLN B 306 -10.87 15.67 22.23
C GLN B 306 -11.93 14.77 22.84
N VAL B 307 -12.47 15.13 24.01
CA VAL B 307 -13.42 14.25 24.68
C VAL B 307 -14.67 14.09 23.82
N LEU B 308 -15.13 15.15 23.17
CA LEU B 308 -16.36 15.01 22.41
C LEU B 308 -16.11 14.41 21.03
N MET B 309 -15.00 14.78 20.38
CA MET B 309 -14.69 14.19 19.09
C MET B 309 -14.21 12.75 19.23
N CYS B 310 -14.01 12.28 20.46
CA CYS B 310 -13.80 10.85 20.68
C CYS B 310 -15.05 10.21 21.25
N GLY B 311 -16.02 11.02 21.68
CA GLY B 311 -17.31 10.48 22.06
C GLY B 311 -18.16 10.09 20.87
N PHE B 312 -18.17 10.95 19.85
CA PHE B 312 -18.96 10.64 18.65
C PHE B 312 -18.61 9.28 18.04
N PRO B 313 -17.33 8.95 17.78
CA PRO B 313 -17.04 7.69 17.08
C PRO B 313 -17.62 6.48 17.77
N PHE B 314 -17.26 6.18 19.03
CA PHE B 314 -17.84 5.03 19.72
C PHE B 314 -19.33 4.86 19.46
N LEU B 315 -20.09 5.95 19.57
CA LEU B 315 -21.53 5.85 19.33
C LEU B 315 -21.82 5.42 17.89
N LEU B 316 -21.25 6.14 16.91
CA LEU B 316 -21.55 5.81 15.52
C LEU B 316 -21.08 4.41 15.15
N LEU B 317 -19.90 4.04 15.62
CA LEU B 317 -19.33 2.73 15.36
C LEU B 317 -20.22 1.63 15.92
N PHE B 318 -20.66 1.78 17.17
CA PHE B 318 -21.61 0.82 17.73
C PHE B 318 -22.87 0.75 16.88
N LEU B 319 -23.41 1.92 16.52
CA LEU B 319 -24.65 1.94 15.77
C LEU B 319 -24.54 1.12 14.49
N GLY B 320 -23.55 1.46 13.67
CA GLY B 320 -23.36 0.72 12.43
C GLY B 320 -23.08 -0.76 12.65
N ASN B 321 -22.25 -1.08 13.64
CA ASN B 321 -21.87 -2.47 13.84
C ASN B 321 -23.07 -3.31 14.26
N PHE B 322 -23.81 -2.84 15.25
CA PHE B 322 -25.00 -3.56 15.70
C PHE B 322 -26.03 -3.68 14.59
N PHE B 323 -26.24 -2.58 13.85
CA PHE B 323 -27.20 -2.62 12.75
C PHE B 323 -26.82 -3.68 11.72
N THR B 324 -25.55 -3.67 11.30
CA THR B 324 -25.11 -4.64 10.30
C THR B 324 -25.19 -6.06 10.82
N THR B 325 -24.84 -6.27 12.08
CA THR B 325 -24.90 -7.63 12.62
C THR B 325 -26.32 -8.15 12.67
N LEU B 326 -27.26 -7.29 13.11
CA LEU B 326 -28.66 -7.70 13.10
C LEU B 326 -29.12 -8.02 11.69
N ARG B 327 -28.77 -7.17 10.72
CA ARG B 327 -29.22 -7.41 9.35
C ARG B 327 -28.66 -8.72 8.81
N VAL B 328 -27.38 -9.01 9.08
CA VAL B 328 -26.79 -10.20 8.50
C VAL B 328 -27.32 -11.46 9.19
N VAL B 329 -27.60 -11.40 10.50
CA VAL B 329 -28.14 -12.60 11.14
C VAL B 329 -29.56 -12.85 10.67
N HIS B 330 -30.34 -11.78 10.45
CA HIS B 330 -31.67 -11.97 9.87
C HIS B 330 -31.58 -12.55 8.47
N HIS B 331 -30.64 -12.06 7.67
CA HIS B 331 -30.45 -12.58 6.31
C HIS B 331 -30.10 -14.06 6.33
N LYS B 332 -29.24 -14.46 7.27
CA LYS B 332 -28.86 -15.87 7.35
C LYS B 332 -30.04 -16.73 7.81
N PHE B 333 -30.73 -16.31 8.87
CA PHE B 333 -31.87 -17.07 9.36
C PHE B 333 -32.99 -17.15 8.33
N HIS B 334 -33.04 -16.17 7.41
CA HIS B 334 -34.05 -16.20 6.35
C HIS B 334 -33.98 -17.46 5.51
N SER B 335 -32.88 -18.21 5.58
CA SER B 335 -32.74 -19.48 4.87
C SER B 335 -33.75 -20.49 5.36
#